data_4D4H
#
_entry.id   4D4H
#
_cell.length_a   68.814
_cell.length_b   81.190
_cell.length_c   89.591
_cell.angle_alpha   90.00
_cell.angle_beta   90.00
_cell.angle_gamma   90.00
#
_symmetry.space_group_name_H-M   'P 21 21 21'
#
loop_
_entity.id
_entity.type
_entity.pdbx_description
1 polymer APNAA1
2 non-polymer GLYCEROL
3 water water
#
_entity_poly.entity_id   1
_entity_poly.type   'polypeptide(L)'
_entity_poly.pdbx_seq_one_letter_code
;MKHHHHHHPMSDYDIPTTENLYFQGAMFKQSIHQLFETQVERTPEAVAVLSEQGQLTYEELNTKANQLAHYLRTLGVKSE
TLVGVCVDRSLEMVIGLLAILKAGGAYVPLDPTYPRERLTYMVQDAQISVLVTQTQWSNLISDYQGQVICLDSQWAKIAS
YSQENLVNTVNPENLAYVIYTSGSTGKPKGVMIEHQSLVNFTKLAIAQYQITTSDRTLQFVSISFDVAAEEIYVTLCSGA
TLILRTEEMISSIPSFVQKSQDWQITVWSLPTAYWHLLVNELVKSKIALPDSLRLVIIGGERVQPELVRMWFKNVGNFPE
LINVYGPTEGTIAVSLCRLSQLTESQRNRTEIPIGKSLGENISVYVLDETLKTVPPETPGEIYIGGTALARGYLNRPELT
AQKFIQDPFSPSERLYKTGDLGRYLADGNLEYLGRVDHQVKINGFRVELGEIETVLLQHHQVAQAVVIDREDPLGNKRLV
AYLVPHSTEENLTVTLQQFLKNKLPSYMIPATFVVLNELPLSPNGKIDRKALPIPDYDGNERQTPFIAPRNHQEEKLANI
WHQVFGLEKIGVN
;
_entity_poly.pdbx_strand_id   A
#
# COMPACT_ATOMS: atom_id res chain seq x y z
N LYS A 29 6.81 -14.56 14.08
CA LYS A 29 5.55 -14.17 14.72
C LYS A 29 5.56 -12.67 14.99
N GLN A 30 5.04 -11.90 14.05
CA GLN A 30 5.19 -10.45 14.13
C GLN A 30 4.04 -9.68 13.50
N SER A 31 3.65 -8.54 14.11
CA SER A 31 2.63 -7.70 13.51
C SER A 31 3.35 -6.55 12.85
N ILE A 32 2.62 -5.69 12.12
CA ILE A 32 3.32 -4.64 11.37
C ILE A 32 3.87 -3.56 12.33
N HIS A 33 3.09 -3.22 13.34
CA HIS A 33 3.56 -2.23 14.29
C HIS A 33 4.72 -2.70 15.17
N GLN A 34 4.92 -4.01 15.30
CA GLN A 34 6.07 -4.51 16.06
C GLN A 34 7.31 -4.29 15.26
N LEU A 35 7.16 -4.40 13.93
CA LEU A 35 8.26 -4.12 13.02
C LEU A 35 8.62 -2.65 13.18
N PHE A 36 7.58 -1.82 13.13
CA PHE A 36 7.83 -0.39 13.33
C PHE A 36 8.54 -0.13 14.68
N GLU A 37 8.06 -0.79 15.72
CA GLU A 37 8.57 -0.56 17.08
C GLU A 37 10.05 -0.95 17.21
N THR A 38 10.43 -2.06 16.59
CA THR A 38 11.84 -2.43 16.52
C THR A 38 12.64 -1.32 15.83
N GLN A 39 12.12 -0.79 14.72
CA GLN A 39 12.86 0.33 14.11
C GLN A 39 13.02 1.53 15.05
N VAL A 40 11.95 1.89 15.75
CA VAL A 40 11.99 3.03 16.66
C VAL A 40 13.09 2.79 17.71
N GLU A 41 13.14 1.56 18.22
CA GLU A 41 14.19 1.14 19.17
C GLU A 41 15.58 1.38 18.58
N ARG A 42 15.78 0.98 17.32
CA ARG A 42 17.08 1.21 16.68
C ARG A 42 17.45 2.68 16.50
N THR A 43 16.52 3.48 15.94
CA THR A 43 16.82 4.87 15.60
C THR A 43 15.76 5.88 16.06
N PRO A 44 15.66 6.09 17.37
CA PRO A 44 14.60 6.92 17.97
C PRO A 44 14.63 8.37 17.54
N GLU A 45 15.82 8.90 17.24
CA GLU A 45 15.97 10.32 16.89
C GLU A 45 15.89 10.61 15.39
N ALA A 46 15.91 9.58 14.57
CA ALA A 46 15.79 9.80 13.14
C ALA A 46 14.42 10.41 12.81
N VAL A 47 14.31 11.15 11.71
CA VAL A 47 13.04 11.74 11.34
C VAL A 47 12.21 10.67 10.64
N ALA A 48 11.04 10.34 11.17
CA ALA A 48 10.12 9.38 10.51
C ALA A 48 9.21 9.96 9.44
N VAL A 49 8.63 11.11 9.73
CA VAL A 49 7.62 11.66 8.85
C VAL A 49 7.81 13.15 8.72
N LEU A 50 7.67 13.64 7.50
CA LEU A 50 7.79 15.05 7.25
C LEU A 50 6.64 15.45 6.36
N SER A 51 5.98 16.55 6.71
CA SER A 51 5.00 17.18 5.85
C SER A 51 5.29 18.68 5.81
N GLU A 52 4.49 19.41 5.05
CA GLU A 52 4.63 20.88 5.04
C GLU A 52 4.33 21.47 6.41
N GLN A 53 3.57 20.74 7.22
CA GLN A 53 3.11 21.27 8.49
C GLN A 53 3.98 20.92 9.70
N GLY A 54 5.06 20.17 9.49
CA GLY A 54 5.92 19.75 10.58
C GLY A 54 6.53 18.39 10.31
N GLN A 55 7.19 17.83 11.33
CA GLN A 55 7.79 16.51 11.22
C GLN A 55 7.69 15.78 12.55
N LEU A 56 7.90 14.48 12.53
CA LEU A 56 7.93 13.68 13.75
C LEU A 56 9.17 12.80 13.68
N THR A 57 9.90 12.64 14.79
CA THR A 57 10.98 11.67 14.77
C THR A 57 10.34 10.30 15.02
N TYR A 58 11.14 9.24 14.95
CA TYR A 58 10.62 7.90 15.22
C TYR A 58 10.05 7.83 16.62
N GLU A 59 10.82 8.34 17.58
CA GLU A 59 10.37 8.33 18.97
CA GLU A 59 10.36 8.34 18.96
C GLU A 59 9.04 9.09 19.13
N GLU A 60 8.92 10.26 18.51
CA GLU A 60 7.71 11.07 18.66
C GLU A 60 6.47 10.42 18.03
N LEU A 61 6.64 9.86 16.83
CA LEU A 61 5.55 9.14 16.16
C LEU A 61 5.12 7.97 17.04
N ASN A 62 6.11 7.26 17.58
CA ASN A 62 5.79 6.10 18.40
C ASN A 62 5.04 6.47 19.68
N THR A 63 5.53 7.48 20.40
CA THR A 63 4.90 7.84 21.65
C THR A 63 3.49 8.33 21.38
N LYS A 64 3.33 9.19 20.37
CA LYS A 64 1.97 9.70 20.07
C LYS A 64 0.98 8.64 19.61
N ALA A 65 1.48 7.71 18.81
CA ALA A 65 0.66 6.58 18.38
C ALA A 65 0.30 5.76 19.60
N ASN A 66 1.22 5.62 20.55
CA ASN A 66 0.92 4.85 21.77
C ASN A 66 -0.15 5.52 22.62
N GLN A 67 -0.10 6.85 22.71
CA GLN A 67 -1.09 7.56 23.50
C GLN A 67 -2.48 7.35 22.90
N LEU A 68 -2.57 7.60 21.59
CA LEU A 68 -3.84 7.34 20.91
C LEU A 68 -4.28 5.85 21.01
N ALA A 69 -3.35 4.91 20.91
CA ALA A 69 -3.68 3.50 21.02
C ALA A 69 -4.25 3.15 22.38
N HIS A 70 -3.66 3.69 23.44
CA HIS A 70 -4.20 3.47 24.79
C HIS A 70 -5.63 4.03 24.92
N TYR A 71 -5.82 5.24 24.40
CA TYR A 71 -7.18 5.76 24.34
C TYR A 71 -8.15 4.79 23.64
N LEU A 72 -7.79 4.41 22.41
CA LEU A 72 -8.60 3.48 21.61
C LEU A 72 -8.94 2.24 22.40
N ARG A 73 -7.96 1.75 23.15
CA ARG A 73 -8.19 0.56 23.95
C ARG A 73 -9.29 0.87 24.95
N THR A 74 -9.33 2.10 25.47
CA THR A 74 -10.43 2.36 26.44
C THR A 74 -11.77 2.50 25.72
N LEU A 75 -11.73 2.72 24.42
CA LEU A 75 -13.00 2.81 23.70
C LEU A 75 -13.48 1.46 23.26
N GLY A 76 -12.77 0.42 23.66
CA GLY A 76 -13.16 -0.94 23.33
C GLY A 76 -12.48 -1.51 22.09
N VAL A 77 -11.52 -0.79 21.52
CA VAL A 77 -10.81 -1.36 20.36
C VAL A 77 -9.89 -2.48 20.81
N LYS A 78 -10.02 -3.64 20.17
CA LYS A 78 -9.19 -4.79 20.48
C LYS A 78 -9.05 -5.61 19.21
N SER A 79 -8.34 -6.73 19.28
CA SER A 79 -8.09 -7.53 18.07
C SER A 79 -9.43 -7.82 17.40
N GLU A 80 -9.44 -7.68 16.06
CA GLU A 80 -10.64 -7.83 15.19
C GLU A 80 -11.62 -6.64 15.17
N THR A 81 -11.39 -5.63 16.00
CA THR A 81 -12.26 -4.46 15.92
C THR A 81 -11.87 -3.61 14.71
N LEU A 82 -12.88 -3.24 13.91
CA LEU A 82 -12.67 -2.41 12.73
C LEU A 82 -12.84 -0.97 13.14
N VAL A 83 -11.88 -0.14 12.77
CA VAL A 83 -11.91 1.27 13.11
C VAL A 83 -11.84 2.06 11.83
N GLY A 84 -12.76 3.00 11.63
CA GLY A 84 -12.72 3.78 10.41
C GLY A 84 -11.70 4.88 10.58
N VAL A 85 -11.00 5.24 9.50
CA VAL A 85 -10.08 6.36 9.53
CA VAL A 85 -10.09 6.37 9.53
C VAL A 85 -10.49 7.32 8.43
N CYS A 86 -10.95 8.51 8.80
CA CYS A 86 -11.25 9.52 7.81
C CYS A 86 -10.43 10.73 8.18
N VAL A 87 -9.35 10.92 7.43
CA VAL A 87 -8.36 11.91 7.78
CA VAL A 87 -8.36 11.91 7.78
C VAL A 87 -7.72 12.36 6.48
N ASP A 88 -7.24 13.61 6.43
CA ASP A 88 -6.52 13.96 5.22
C ASP A 88 -5.09 13.48 5.39
N ARG A 89 -4.30 13.62 4.34
CA ARG A 89 -2.93 13.14 4.39
C ARG A 89 -2.19 14.12 5.30
N SER A 90 -1.54 13.62 6.33
CA SER A 90 -1.01 14.49 7.38
C SER A 90 -0.26 13.67 8.42
N LEU A 91 0.52 14.32 9.28
CA LEU A 91 1.14 13.63 10.39
C LEU A 91 0.08 12.83 11.15
N GLU A 92 -1.07 13.47 11.34
CA GLU A 92 -2.17 12.89 12.09
C GLU A 92 -2.61 11.55 11.49
N MET A 93 -2.59 11.47 10.17
CA MET A 93 -3.05 10.28 9.49
C MET A 93 -2.14 9.11 9.86
N VAL A 94 -0.83 9.37 9.86
CA VAL A 94 0.14 8.32 10.18
C VAL A 94 0.04 7.90 11.65
N ILE A 95 -0.06 8.90 12.53
CA ILE A 95 -0.29 8.54 13.94
C ILE A 95 -1.55 7.66 14.09
N GLY A 96 -2.63 8.01 13.42
CA GLY A 96 -3.88 7.29 13.58
C GLY A 96 -3.78 5.86 13.07
N LEU A 97 -3.16 5.68 11.89
CA LEU A 97 -2.96 4.32 11.39
C LEU A 97 -2.17 3.48 12.39
N LEU A 98 -1.03 4.02 12.83
CA LEU A 98 -0.20 3.21 13.75
C LEU A 98 -0.92 2.96 15.07
N ALA A 99 -1.71 3.92 15.53
CA ALA A 99 -2.35 3.79 16.83
C ALA A 99 -3.40 2.71 16.75
N ILE A 100 -4.12 2.66 15.63
CA ILE A 100 -5.13 1.62 15.46
C ILE A 100 -4.46 0.26 15.41
N LEU A 101 -3.39 0.17 14.63
CA LEU A 101 -2.66 -1.10 14.64
C LEU A 101 -2.20 -1.53 16.05
N LYS A 102 -1.60 -0.61 16.80
CA LYS A 102 -1.06 -0.91 18.13
C LYS A 102 -2.15 -1.29 19.10
N ALA A 103 -3.31 -0.66 18.97
CA ALA A 103 -4.47 -0.97 19.82
C ALA A 103 -4.95 -2.36 19.53
N GLY A 104 -4.47 -2.96 18.45
CA GLY A 104 -4.94 -4.28 18.07
C GLY A 104 -6.11 -4.25 17.07
N GLY A 105 -6.56 -3.07 16.67
CA GLY A 105 -7.68 -3.01 15.73
C GLY A 105 -7.20 -3.13 14.28
N ALA A 106 -8.15 -3.09 13.35
CA ALA A 106 -7.84 -3.03 11.92
C ALA A 106 -8.49 -1.78 11.37
N TYR A 107 -7.74 -1.00 10.59
CA TYR A 107 -8.27 0.24 10.06
C TYR A 107 -9.02 0.05 8.75
N VAL A 108 -10.07 0.84 8.57
CA VAL A 108 -10.83 0.88 7.34
C VAL A 108 -10.73 2.28 6.75
N PRO A 109 -9.99 2.44 5.64
CA PRO A 109 -9.81 3.81 5.15
C PRO A 109 -11.11 4.39 4.61
N LEU A 110 -11.47 5.60 5.05
CA LEU A 110 -12.66 6.25 4.52
C LEU A 110 -12.26 7.57 3.90
N ASP A 111 -12.28 7.61 2.57
CA ASP A 111 -11.67 8.69 1.85
C ASP A 111 -12.61 9.87 1.93
N PRO A 112 -12.20 10.94 2.64
CA PRO A 112 -13.07 12.09 2.87
C PRO A 112 -13.51 12.77 1.58
N THR A 113 -12.88 12.46 0.46
CA THR A 113 -13.30 13.05 -0.82
C THR A 113 -14.45 12.25 -1.43
N TYR A 114 -14.81 11.13 -0.83
CA TYR A 114 -15.94 10.33 -1.32
C TYR A 114 -17.27 10.91 -0.88
N PRO A 115 -18.35 10.62 -1.64
CA PRO A 115 -19.66 11.18 -1.25
C PRO A 115 -20.20 10.54 0.03
N ARG A 116 -21.08 11.25 0.75
CA ARG A 116 -21.61 10.78 2.03
C ARG A 116 -22.23 9.37 2.01
N GLU A 117 -22.97 9.09 0.96
CA GLU A 117 -23.70 7.83 0.83
C GLU A 117 -22.76 6.61 0.80
N ARG A 118 -21.66 6.75 0.07
CA ARG A 118 -20.64 5.71 -0.03
C ARG A 118 -19.89 5.46 1.28
N LEU A 119 -19.54 6.54 1.96
CA LEU A 119 -18.83 6.41 3.22
C LEU A 119 -19.76 5.80 4.27
N THR A 120 -21.02 6.22 4.23
CA THR A 120 -21.99 5.74 5.18
C THR A 120 -22.24 4.25 4.94
N TYR A 121 -22.35 3.88 3.67
CA TYR A 121 -22.45 2.47 3.34
C TYR A 121 -21.27 1.70 3.90
N MET A 122 -20.05 2.19 3.66
CA MET A 122 -18.88 1.48 4.15
C MET A 122 -18.91 1.34 5.68
N VAL A 123 -19.34 2.39 6.37
CA VAL A 123 -19.41 2.33 7.83
C VAL A 123 -20.46 1.31 8.32
N GLN A 124 -21.57 1.21 7.61
CA GLN A 124 -22.61 0.23 7.99
C GLN A 124 -22.20 -1.22 7.68
N ASP A 125 -21.66 -1.43 6.49
CA ASP A 125 -21.15 -2.74 6.07
C ASP A 125 -20.08 -3.25 7.02
N ALA A 126 -19.14 -2.40 7.40
CA ALA A 126 -18.05 -2.84 8.29
C ALA A 126 -18.46 -2.76 9.76
N GLN A 127 -19.67 -2.26 10.00
CA GLN A 127 -20.15 -2.10 11.37
C GLN A 127 -19.12 -1.42 12.26
N ILE A 128 -18.62 -0.28 11.79
CA ILE A 128 -17.57 0.43 12.49
C ILE A 128 -18.20 1.19 13.65
N SER A 129 -17.78 0.86 14.87
CA SER A 129 -18.21 1.61 16.07
C SER A 129 -17.20 2.64 16.62
N VAL A 130 -16.03 2.72 16.00
CA VAL A 130 -15.05 3.75 16.35
C VAL A 130 -14.53 4.39 15.08
N LEU A 131 -14.49 5.72 15.07
CA LEU A 131 -14.06 6.50 13.91
C LEU A 131 -12.99 7.47 14.36
N VAL A 132 -11.83 7.40 13.72
CA VAL A 132 -10.75 8.31 13.94
C VAL A 132 -10.83 9.32 12.79
N THR A 133 -10.98 10.58 13.12
CA THR A 133 -11.27 11.58 12.07
C THR A 133 -10.75 12.93 12.53
N GLN A 134 -11.16 13.99 11.83
CA GLN A 134 -10.80 15.35 12.22
C GLN A 134 -12.04 16.23 12.20
N THR A 135 -12.01 17.35 12.89
CA THR A 135 -13.21 18.19 12.98
C THR A 135 -13.72 18.57 11.61
N GLN A 136 -12.81 18.88 10.68
CA GLN A 136 -13.22 19.27 9.33
C GLN A 136 -14.04 18.19 8.58
N TRP A 137 -13.93 16.93 9.01
CA TRP A 137 -14.69 15.87 8.36
C TRP A 137 -15.97 15.58 9.10
N SER A 138 -16.23 16.36 10.14
CA SER A 138 -17.44 16.13 10.90
C SER A 138 -18.64 16.26 9.97
N ASN A 139 -19.69 15.52 10.26
CA ASN A 139 -20.87 15.57 9.40
C ASN A 139 -20.70 14.77 8.10
N LEU A 140 -19.52 14.20 7.87
CA LEU A 140 -19.33 13.36 6.69
C LEU A 140 -19.99 11.96 6.79
N ILE A 141 -20.31 11.49 8.00
CA ILE A 141 -21.06 10.25 8.15
C ILE A 141 -22.50 10.51 8.59
N SER A 142 -23.44 9.82 7.95
CA SER A 142 -24.87 10.10 8.17
C SER A 142 -25.36 9.40 9.43
N ASP A 143 -25.81 10.21 10.38
CA ASP A 143 -26.31 9.72 11.67
C ASP A 143 -25.45 8.57 12.20
N TYR A 144 -24.21 8.91 12.51
CA TYR A 144 -23.28 7.94 13.06
C TYR A 144 -23.43 7.91 14.58
N GLN A 145 -23.75 6.75 15.12
CA GLN A 145 -23.94 6.65 16.57
C GLN A 145 -22.75 6.15 17.41
N GLY A 146 -21.64 5.82 16.75
CA GLY A 146 -20.50 5.26 17.45
C GLY A 146 -19.63 6.32 18.11
N GLN A 147 -18.43 5.92 18.52
CA GLN A 147 -17.46 6.83 19.11
C GLN A 147 -16.67 7.53 18.01
N VAL A 148 -16.46 8.83 18.17
CA VAL A 148 -15.63 9.61 17.25
C VAL A 148 -14.43 10.19 18.02
N ILE A 149 -13.23 10.08 17.46
CA ILE A 149 -12.06 10.79 17.99
C ILE A 149 -11.60 11.77 16.94
N CYS A 150 -11.66 13.07 17.23
CA CYS A 150 -11.09 14.06 16.32
C CYS A 150 -9.66 14.36 16.73
N LEU A 151 -8.71 13.97 15.88
CA LEU A 151 -7.28 14.10 16.22
C LEU A 151 -6.82 15.54 16.39
N ASP A 152 -7.39 16.43 15.60
CA ASP A 152 -6.95 17.82 15.62
C ASP A 152 -7.44 18.57 16.86
N SER A 153 -8.70 18.39 17.24
CA SER A 153 -9.28 19.04 18.41
C SER A 153 -9.04 18.37 19.79
N GLN A 154 -8.86 17.06 19.82
CA GLN A 154 -8.76 16.29 21.06
C GLN A 154 -7.36 15.98 21.59
N TRP A 155 -6.35 16.56 20.98
CA TRP A 155 -5.01 16.08 21.30
C TRP A 155 -4.59 16.25 22.77
N ALA A 156 -5.21 17.20 23.49
CA ALA A 156 -4.88 17.41 24.89
C ALA A 156 -5.35 16.24 25.74
N LYS A 157 -6.54 15.75 25.45
CA LYS A 157 -7.06 14.56 26.15
C LYS A 157 -6.12 13.37 25.88
N ILE A 158 -5.81 13.15 24.60
CA ILE A 158 -5.00 12.01 24.19
C ILE A 158 -3.62 12.06 24.86
N ALA A 159 -3.10 13.27 25.01
CA ALA A 159 -1.80 13.47 25.63
C ALA A 159 -1.79 13.02 27.11
N SER A 160 -2.96 12.67 27.63
CA SER A 160 -3.08 12.21 29.02
C SER A 160 -2.95 10.70 29.13
N TYR A 161 -2.80 10.02 27.99
CA TYR A 161 -2.73 8.56 28.03
C TYR A 161 -1.28 8.12 27.99
N SER A 162 -1.05 6.83 28.15
CA SER A 162 0.29 6.32 28.31
C SER A 162 1.09 6.35 27.01
N GLN A 163 2.38 6.67 27.11
CA GLN A 163 3.26 6.76 25.95
C GLN A 163 3.99 5.46 25.65
N GLU A 164 3.79 4.45 26.51
CA GLU A 164 4.51 3.19 26.43
C GLU A 164 3.91 2.26 25.37
N ASN A 165 4.75 1.40 24.79
CA ASN A 165 4.26 0.38 23.85
C ASN A 165 3.25 -0.54 24.50
N LEU A 166 2.16 -0.82 23.80
CA LEU A 166 1.18 -1.81 24.22
C LEU A 166 1.77 -3.18 23.95
N VAL A 167 1.25 -4.20 24.60
CA VAL A 167 1.82 -5.53 24.43
C VAL A 167 0.74 -6.55 24.16
N ASN A 168 1.06 -7.49 23.27
CA ASN A 168 0.21 -8.63 22.98
C ASN A 168 -1.23 -8.30 22.63
N THR A 169 -1.44 -7.25 21.84
CA THR A 169 -2.81 -6.87 21.50
C THR A 169 -3.32 -7.66 20.30
N VAL A 170 -2.40 -8.33 19.60
CA VAL A 170 -2.70 -8.98 18.33
C VAL A 170 -1.81 -10.17 18.00
N ASN A 171 -2.36 -11.04 17.16
CA ASN A 171 -1.62 -12.13 16.57
C ASN A 171 -1.48 -11.90 15.06
N PRO A 172 -0.47 -12.49 14.44
CA PRO A 172 -0.24 -12.26 13.00
C PRO A 172 -1.47 -12.63 12.15
N GLU A 173 -2.33 -13.51 12.62
CA GLU A 173 -3.49 -13.88 11.82
C GLU A 173 -4.64 -12.89 12.02
N ASN A 174 -4.52 -11.97 12.98
CA ASN A 174 -5.53 -10.92 13.11
C ASN A 174 -5.42 -9.90 11.98
N LEU A 175 -6.52 -9.22 11.70
CA LEU A 175 -6.59 -8.22 10.64
C LEU A 175 -5.77 -6.97 10.98
N ALA A 176 -4.99 -6.52 10.01
CA ALA A 176 -4.41 -5.16 9.99
C ALA A 176 -5.30 -4.06 9.39
N TYR A 177 -5.95 -4.37 8.26
CA TYR A 177 -6.84 -3.37 7.65
C TYR A 177 -7.85 -4.05 6.75
N VAL A 178 -8.95 -3.36 6.51
CA VAL A 178 -9.92 -3.79 5.54
C VAL A 178 -10.05 -2.64 4.59
N ILE A 179 -9.76 -2.89 3.32
CA ILE A 179 -9.76 -1.81 2.35
C ILE A 179 -10.81 -2.12 1.30
N TYR A 180 -11.69 -1.16 1.05
CA TYR A 180 -12.73 -1.32 0.04
C TYR A 180 -12.25 -1.21 -1.41
N THR A 181 -12.77 -2.08 -2.27
CA THR A 181 -12.51 -2.06 -3.72
C THR A 181 -13.82 -2.19 -4.49
N SER A 182 -13.83 -1.72 -5.73
CA SER A 182 -15.07 -1.64 -6.54
C SER A 182 -15.79 -2.98 -6.67
N GLY A 183 -17.08 -3.01 -6.35
CA GLY A 183 -17.92 -4.16 -6.68
C GLY A 183 -18.52 -4.06 -8.07
N SER A 184 -18.65 -5.20 -8.75
CA SER A 184 -19.35 -5.27 -10.04
C SER A 184 -20.84 -5.33 -9.76
N THR A 185 -21.17 -5.74 -8.55
CA THR A 185 -22.55 -5.90 -8.11
C THR A 185 -23.11 -4.57 -7.63
N GLY A 186 -22.29 -3.51 -7.73
CA GLY A 186 -22.78 -2.16 -7.51
C GLY A 186 -22.37 -1.53 -6.20
N LYS A 187 -21.94 -2.37 -5.26
CA LYS A 187 -21.34 -1.84 -4.05
C LYS A 187 -19.92 -2.37 -3.96
N PRO A 188 -19.01 -1.56 -3.42
CA PRO A 188 -17.64 -1.98 -3.16
C PRO A 188 -17.66 -3.09 -2.11
N LYS A 189 -16.56 -3.81 -1.95
CA LYS A 189 -16.44 -4.84 -0.92
C LYS A 189 -15.12 -4.65 -0.18
N GLY A 190 -15.14 -4.88 1.14
CA GLY A 190 -13.92 -4.87 1.94
C GLY A 190 -13.01 -6.07 1.74
N VAL A 191 -11.74 -5.82 1.44
CA VAL A 191 -10.76 -6.90 1.37
C VAL A 191 -10.02 -6.95 2.71
N MET A 192 -10.07 -8.08 3.39
CA MET A 192 -9.50 -8.21 4.72
C MET A 192 -8.06 -8.71 4.66
N ILE A 193 -7.13 -7.86 5.10
CA ILE A 193 -5.70 -8.17 5.09
C ILE A 193 -5.21 -8.41 6.52
N GLU A 194 -4.65 -9.57 6.77
CA GLU A 194 -4.06 -9.89 8.09
C GLU A 194 -2.65 -9.33 8.29
N HIS A 195 -2.24 -9.14 9.54
CA HIS A 195 -0.87 -8.68 9.79
C HIS A 195 0.13 -9.58 9.08
N GLN A 196 -0.04 -10.88 9.08
CA GLN A 196 1.04 -11.70 8.56
C GLN A 196 1.35 -11.49 7.07
N SER A 197 0.33 -11.33 6.24
CA SER A 197 0.60 -11.06 4.84
C SER A 197 1.21 -9.66 4.64
N LEU A 198 0.80 -8.70 5.45
CA LEU A 198 1.34 -7.35 5.36
C LEU A 198 2.81 -7.29 5.79
N VAL A 199 3.12 -7.94 6.90
CA VAL A 199 4.49 -8.00 7.38
C VAL A 199 5.36 -8.72 6.36
N ASN A 200 4.83 -9.82 5.81
CA ASN A 200 5.57 -10.52 4.78
C ASN A 200 5.88 -9.60 3.60
N PHE A 201 4.85 -8.90 3.11
CA PHE A 201 5.08 -8.00 1.98
C PHE A 201 6.10 -6.96 2.32
N THR A 202 5.95 -6.33 3.47
CA THR A 202 6.81 -5.22 3.86
C THR A 202 8.26 -5.67 3.92
N LYS A 203 8.51 -6.84 4.49
CA LYS A 203 9.91 -7.34 4.57
C LYS A 203 10.48 -7.66 3.19
N LEU A 204 9.70 -8.38 2.39
CA LEU A 204 10.14 -8.62 1.01
C LEU A 204 10.41 -7.32 0.25
N ALA A 205 9.54 -6.32 0.40
CA ALA A 205 9.67 -5.04 -0.32
C ALA A 205 10.89 -4.26 0.13
N ILE A 206 11.14 -4.22 1.44
CA ILE A 206 12.31 -3.52 1.94
C ILE A 206 13.55 -4.16 1.32
N ALA A 207 13.59 -5.50 1.32
CA ALA A 207 14.79 -6.14 0.73
C ALA A 207 14.88 -5.91 -0.78
N GLN A 208 13.75 -6.00 -1.48
CA GLN A 208 13.75 -5.80 -2.93
C GLN A 208 14.14 -4.40 -3.35
N TYR A 209 13.66 -3.39 -2.64
CA TYR A 209 13.92 -1.99 -3.02
C TYR A 209 15.19 -1.47 -2.35
N GLN A 210 15.76 -2.25 -1.45
CA GLN A 210 16.98 -1.86 -0.72
C GLN A 210 16.76 -0.57 0.06
N ILE A 211 15.60 -0.45 0.69
CA ILE A 211 15.32 0.76 1.44
C ILE A 211 16.29 0.85 2.60
N THR A 212 16.92 2.01 2.80
CA THR A 212 17.83 2.19 3.95
C THR A 212 17.43 3.43 4.76
N THR A 213 18.14 3.68 5.85
CA THR A 213 17.81 4.78 6.73
C THR A 213 18.05 6.13 6.06
N SER A 214 18.75 6.14 4.94
CA SER A 214 18.96 7.42 4.25
C SER A 214 17.91 7.70 3.15
N ASP A 215 17.00 6.77 2.92
CA ASP A 215 16.00 7.01 1.88
C ASP A 215 14.93 8.00 2.33
N ARG A 216 14.35 8.71 1.37
CA ARG A 216 13.27 9.63 1.64
C ARG A 216 12.18 9.31 0.62
N THR A 217 11.05 8.84 1.12
CA THR A 217 10.05 8.24 0.23
C THR A 217 8.85 9.18 0.15
N LEU A 218 8.41 9.50 -1.05
CA LEU A 218 7.24 10.34 -1.19
C LEU A 218 5.95 9.53 -1.03
N GLN A 219 5.10 9.92 -0.08
CA GLN A 219 3.83 9.26 0.10
C GLN A 219 2.86 9.96 -0.83
N PHE A 220 2.32 9.21 -1.79
CA PHE A 220 1.62 9.77 -2.96
C PHE A 220 0.13 9.46 -2.92
N VAL A 221 -0.23 8.18 -2.93
CA VAL A 221 -1.62 7.78 -3.06
C VAL A 221 -2.43 7.87 -1.76
N SER A 222 -3.74 8.10 -1.94
CA SER A 222 -4.69 8.04 -0.84
C SER A 222 -4.62 6.69 -0.15
N ILE A 223 -4.80 6.65 1.16
CA ILE A 223 -4.86 5.36 1.87
C ILE A 223 -6.06 4.49 1.47
N SER A 224 -6.99 5.05 0.69
CA SER A 224 -8.05 4.22 0.09
C SER A 224 -7.50 3.21 -0.89
N PHE A 225 -6.23 3.35 -1.24
CA PHE A 225 -5.57 2.39 -2.14
C PHE A 225 -4.48 1.68 -1.36
N ASP A 226 -4.30 0.39 -1.60
CA ASP A 226 -3.41 -0.35 -0.71
C ASP A 226 -1.94 -0.03 -0.96
N VAL A 227 -1.63 0.55 -2.12
CA VAL A 227 -0.27 1.05 -2.43
C VAL A 227 0.26 2.03 -1.37
N ALA A 228 -0.64 2.79 -0.73
CA ALA A 228 -0.21 3.73 0.30
C ALA A 228 0.46 2.96 1.43
N ALA A 229 -0.09 1.79 1.78
CA ALA A 229 0.52 0.93 2.79
C ALA A 229 1.96 0.64 2.41
N GLU A 230 2.17 0.31 1.15
CA GLU A 230 3.52 0.07 0.66
C GLU A 230 4.37 1.26 1.04
N GLU A 231 3.92 2.45 0.63
CA GLU A 231 4.72 3.66 0.80
C GLU A 231 4.96 3.82 2.28
N ILE A 232 3.93 3.61 3.09
CA ILE A 232 4.07 3.93 4.51
C ILE A 232 4.95 2.90 5.25
N TYR A 233 4.59 1.62 5.17
CA TYR A 233 5.22 0.65 6.07
C TYR A 233 6.64 0.34 5.64
N VAL A 234 6.82 0.17 4.33
CA VAL A 234 8.18 -0.05 3.84
C VAL A 234 9.08 1.06 4.33
N THR A 235 8.54 2.28 4.40
CA THR A 235 9.41 3.39 4.75
C THR A 235 9.64 3.36 6.25
N LEU A 236 8.57 3.14 7.00
CA LEU A 236 8.71 3.33 8.45
C LEU A 236 9.36 2.12 9.11
N CYS A 237 9.27 0.95 8.46
CA CYS A 237 9.84 -0.23 9.07
C CYS A 237 11.33 -0.37 8.70
N SER A 238 11.80 0.49 7.81
CA SER A 238 13.21 0.54 7.41
CA SER A 238 13.22 0.49 7.46
C SER A 238 14.05 1.62 8.08
N GLY A 239 13.39 2.55 8.78
CA GLY A 239 14.09 3.68 9.38
C GLY A 239 14.27 4.87 8.44
N ALA A 240 13.69 4.76 7.25
CA ALA A 240 13.72 5.85 6.29
C ALA A 240 12.77 6.94 6.74
N THR A 241 12.73 8.02 5.95
CA THR A 241 11.87 9.18 6.23
C THR A 241 10.75 9.22 5.23
N LEU A 242 9.54 9.39 5.74
CA LEU A 242 8.35 9.39 4.91
C LEU A 242 7.95 10.85 4.67
N ILE A 243 7.88 11.26 3.42
CA ILE A 243 7.54 12.64 3.13
C ILE A 243 6.16 12.68 2.54
N LEU A 244 5.24 13.41 3.19
CA LEU A 244 3.85 13.44 2.72
C LEU A 244 3.68 14.50 1.62
N ARG A 245 3.15 14.10 0.47
CA ARG A 245 2.99 15.06 -0.64
C ARG A 245 1.95 16.14 -0.29
N THR A 246 2.00 17.26 -1.01
CA THR A 246 0.94 18.25 -0.89
C THR A 246 -0.02 18.05 -2.04
N GLU A 247 -1.11 18.81 -2.02
CA GLU A 247 -2.12 18.75 -3.07
C GLU A 247 -1.62 19.54 -4.30
N GLU A 248 -0.89 20.62 -4.06
CA GLU A 248 -0.42 21.51 -5.14
C GLU A 248 0.65 20.86 -6.04
N MET A 249 1.53 20.05 -5.47
CA MET A 249 2.68 19.55 -6.24
C MET A 249 2.31 18.53 -7.33
N ILE A 250 1.14 17.93 -7.21
CA ILE A 250 0.68 16.95 -8.17
C ILE A 250 0.19 17.60 -9.47
N SER A 251 -0.34 18.82 -9.33
CA SER A 251 -1.09 19.49 -10.41
C SER A 251 -0.30 19.70 -11.71
N SER A 252 1.02 19.86 -11.61
CA SER A 252 1.85 19.89 -12.81
C SER A 252 3.09 19.06 -12.61
N ILE A 253 3.53 18.38 -13.65
CA ILE A 253 4.80 17.66 -13.60
C ILE A 253 5.97 18.56 -13.14
N PRO A 254 6.16 19.73 -13.77
CA PRO A 254 7.28 20.60 -13.37
C PRO A 254 7.29 20.88 -11.88
N SER A 255 6.11 21.13 -11.32
CA SER A 255 6.01 21.35 -9.88
CA SER A 255 6.01 21.35 -9.89
C SER A 255 6.32 20.09 -9.09
N PHE A 256 5.89 18.94 -9.61
CA PHE A 256 6.13 17.66 -8.94
C PHE A 256 7.65 17.37 -8.81
N VAL A 257 8.35 17.50 -9.94
CA VAL A 257 9.79 17.34 -9.99
C VAL A 257 10.53 18.37 -9.13
N GLN A 258 10.18 19.65 -9.27
CA GLN A 258 10.84 20.66 -8.45
C GLN A 258 10.67 20.45 -6.93
N LYS A 259 9.45 20.14 -6.52
CA LYS A 259 9.19 19.88 -5.10
C LYS A 259 9.95 18.64 -4.62
N SER A 260 9.96 17.61 -5.45
CA SER A 260 10.74 16.42 -5.13
C SER A 260 12.22 16.76 -4.96
N GLN A 261 12.71 17.67 -5.81
CA GLN A 261 14.11 18.05 -5.78
C GLN A 261 14.39 18.78 -4.47
N ASP A 262 13.51 19.70 -4.13
CA ASP A 262 13.65 20.50 -2.91
C ASP A 262 13.62 19.65 -1.63
N TRP A 263 12.84 18.58 -1.67
CA TRP A 263 12.68 17.68 -0.53
C TRP A 263 13.71 16.55 -0.57
N GLN A 264 14.52 16.54 -1.63
CA GLN A 264 15.53 15.51 -1.80
C GLN A 264 14.96 14.10 -1.66
N ILE A 265 13.83 13.87 -2.35
CA ILE A 265 13.17 12.56 -2.38
C ILE A 265 14.07 11.55 -3.08
N THR A 266 14.34 10.40 -2.46
CA THR A 266 15.06 9.35 -3.14
C THR A 266 14.21 8.23 -3.74
N VAL A 267 12.94 8.14 -3.36
CA VAL A 267 12.08 7.08 -3.88
C VAL A 267 10.71 7.63 -4.24
N TRP A 268 10.29 7.40 -5.49
CA TRP A 268 8.94 7.72 -5.94
C TRP A 268 8.13 6.45 -6.07
N SER A 269 6.89 6.46 -5.60
CA SER A 269 5.96 5.38 -5.90
C SER A 269 4.79 6.05 -6.64
N LEU A 270 4.61 5.72 -7.91
CA LEU A 270 3.66 6.43 -8.76
C LEU A 270 2.66 5.49 -9.39
N PRO A 271 1.38 5.93 -9.48
CA PRO A 271 0.43 5.20 -10.32
C PRO A 271 1.02 5.23 -11.73
N THR A 272 0.79 4.18 -12.48
CA THR A 272 1.34 4.10 -13.81
C THR A 272 0.86 5.27 -14.68
N ALA A 273 -0.40 5.70 -14.52
CA ALA A 273 -0.95 6.78 -15.34
C ALA A 273 -0.21 8.10 -15.09
N TYR A 274 0.11 8.37 -13.83
CA TYR A 274 0.88 9.58 -13.52
C TYR A 274 2.27 9.44 -14.10
N TRP A 275 2.82 8.22 -14.10
CA TRP A 275 4.16 8.02 -14.67
C TRP A 275 4.15 8.27 -16.19
N HIS A 276 3.09 7.84 -16.86
CA HIS A 276 2.88 8.13 -18.28
C HIS A 276 2.89 9.66 -18.46
N LEU A 277 2.10 10.36 -17.66
CA LEU A 277 2.14 11.83 -17.73
C LEU A 277 3.58 12.37 -17.60
N LEU A 278 4.29 11.83 -16.61
CA LEU A 278 5.66 12.24 -16.36
C LEU A 278 6.57 12.02 -17.57
N VAL A 279 6.50 10.84 -18.20
CA VAL A 279 7.36 10.60 -19.36
C VAL A 279 6.99 11.55 -20.51
N ASN A 280 5.68 11.68 -20.79
CA ASN A 280 5.26 12.62 -21.83
C ASN A 280 5.88 14.00 -21.60
N GLU A 281 5.75 14.52 -20.39
CA GLU A 281 6.26 15.86 -20.09
C GLU A 281 7.78 15.94 -20.01
N LEU A 282 8.43 14.79 -19.82
CA LEU A 282 9.89 14.75 -19.84
C LEU A 282 10.33 14.98 -21.27
N VAL A 283 9.68 14.25 -22.18
CA VAL A 283 9.98 14.38 -23.62
C VAL A 283 9.61 15.74 -24.18
N LYS A 284 8.45 16.28 -23.78
CA LYS A 284 7.99 17.57 -24.27
C LYS A 284 8.91 18.70 -23.82
N SER A 285 9.62 18.51 -22.73
CA SER A 285 10.33 19.62 -22.11
C SER A 285 11.77 19.28 -21.72
N LYS A 286 12.41 20.24 -21.06
CA LYS A 286 13.82 20.15 -20.68
C LYS A 286 14.02 19.63 -19.26
N ILE A 287 12.93 19.29 -18.59
CA ILE A 287 12.98 18.95 -17.16
C ILE A 287 13.98 17.81 -16.87
N ALA A 288 14.80 18.03 -15.84
CA ALA A 288 15.71 17.01 -15.31
C ALA A 288 15.11 16.40 -14.03
N LEU A 289 15.35 15.12 -13.80
CA LEU A 289 14.86 14.47 -12.60
C LEU A 289 15.66 14.92 -11.38
N PRO A 290 15.02 14.90 -10.19
CA PRO A 290 15.73 15.26 -8.97
C PRO A 290 17.02 14.46 -8.87
N ASP A 291 18.08 15.08 -8.40
CA ASP A 291 19.38 14.43 -8.35
C ASP A 291 19.40 13.33 -7.29
N SER A 292 18.50 13.47 -6.32
CA SER A 292 18.45 12.55 -5.20
C SER A 292 17.69 11.26 -5.53
N LEU A 293 16.95 11.25 -6.64
CA LEU A 293 16.00 10.16 -6.85
C LEU A 293 16.68 8.92 -7.42
N ARG A 294 16.73 7.83 -6.64
CA ARG A 294 17.28 6.57 -7.14
C ARG A 294 16.30 5.50 -7.61
N LEU A 295 15.03 5.63 -7.26
CA LEU A 295 14.09 4.54 -7.53
C LEU A 295 12.70 5.06 -7.86
N VAL A 296 12.10 4.51 -8.89
CA VAL A 296 10.75 4.87 -9.24
C VAL A 296 10.02 3.54 -9.30
N ILE A 297 9.00 3.38 -8.48
CA ILE A 297 8.14 2.18 -8.52
C ILE A 297 6.78 2.52 -9.10
N ILE A 298 6.36 1.80 -10.13
CA ILE A 298 5.07 2.07 -10.76
C ILE A 298 4.24 0.80 -10.77
N GLY A 299 2.93 0.94 -10.96
CA GLY A 299 2.05 -0.20 -11.11
C GLY A 299 0.59 0.25 -11.15
N GLY A 300 -0.32 -0.68 -11.43
CA GLY A 300 -1.73 -0.35 -11.47
C GLY A 300 -2.34 -0.36 -12.86
N GLU A 301 -1.51 -0.40 -13.89
CA GLU A 301 -2.00 -0.43 -15.27
C GLU A 301 -0.99 -1.08 -16.19
N ARG A 302 -1.47 -1.57 -17.33
CA ARG A 302 -0.59 -1.97 -18.41
C ARG A 302 0.35 -0.80 -18.74
N VAL A 303 1.64 -1.10 -18.82
CA VAL A 303 2.66 -0.11 -19.12
CA VAL A 303 2.61 -0.07 -19.12
C VAL A 303 2.92 -0.03 -20.63
N GLN A 304 2.93 1.18 -21.18
CA GLN A 304 3.16 1.37 -22.61
C GLN A 304 4.62 1.18 -22.97
N PRO A 305 4.91 0.17 -23.78
CA PRO A 305 6.29 -0.11 -24.21
C PRO A 305 6.92 1.11 -24.88
N GLU A 306 6.12 1.92 -25.56
CA GLU A 306 6.64 3.11 -26.22
C GLU A 306 7.08 4.14 -25.20
N LEU A 307 6.26 4.31 -24.18
CA LEU A 307 6.62 5.26 -23.13
C LEU A 307 7.86 4.77 -22.38
N VAL A 308 8.00 3.46 -22.23
CA VAL A 308 9.19 2.85 -21.62
C VAL A 308 10.45 3.06 -22.44
N ARG A 309 10.29 2.97 -23.77
CA ARG A 309 11.41 3.20 -24.67
C ARG A 309 11.80 4.66 -24.55
N MET A 310 10.79 5.51 -24.46
CA MET A 310 11.03 6.93 -24.31
C MET A 310 11.81 7.22 -23.03
N TRP A 311 11.36 6.58 -21.95
CA TRP A 311 11.98 6.73 -20.65
C TRP A 311 13.44 6.32 -20.74
N PHE A 312 13.70 5.16 -21.32
CA PHE A 312 15.08 4.72 -21.37
C PHE A 312 15.96 5.53 -22.31
N LYS A 313 15.34 6.13 -23.32
CA LYS A 313 16.05 7.00 -24.25
C LYS A 313 16.46 8.30 -23.54
N ASN A 314 15.52 8.96 -22.88
CA ASN A 314 15.81 10.24 -22.22
C ASN A 314 16.46 10.22 -20.82
N VAL A 315 15.97 9.33 -19.96
CA VAL A 315 16.47 9.11 -18.60
C VAL A 315 17.69 8.20 -18.45
N GLY A 316 17.71 7.10 -19.18
CA GLY A 316 18.76 6.11 -18.99
C GLY A 316 18.36 5.17 -17.86
N ASN A 317 19.33 4.48 -17.29
CA ASN A 317 19.02 3.45 -16.31
C ASN A 317 18.95 3.92 -14.84
N PHE A 318 19.37 5.16 -14.59
CA PHE A 318 19.26 5.81 -13.29
C PHE A 318 18.33 7.02 -13.31
N PRO A 319 17.30 7.04 -12.44
CA PRO A 319 17.00 6.11 -11.34
C PRO A 319 16.47 4.76 -11.86
N GLU A 320 16.54 3.72 -11.02
CA GLU A 320 15.96 2.42 -11.37
C GLU A 320 14.47 2.61 -11.60
N LEU A 321 13.89 1.79 -12.47
CA LEU A 321 12.45 1.82 -12.68
C LEU A 321 11.90 0.41 -12.48
N ILE A 322 10.92 0.29 -11.59
CA ILE A 322 10.38 -1.02 -11.31
C ILE A 322 8.86 -1.06 -11.51
N ASN A 323 8.39 -2.06 -12.24
CA ASN A 323 6.97 -2.29 -12.46
C ASN A 323 6.48 -3.38 -11.50
N VAL A 324 5.41 -3.09 -10.79
CA VAL A 324 4.96 -3.95 -9.72
C VAL A 324 3.55 -4.40 -10.04
N TYR A 325 3.23 -5.65 -9.72
CA TYR A 325 1.92 -6.19 -10.05
C TYR A 325 1.29 -6.89 -8.88
N GLY A 326 0.03 -6.58 -8.63
CA GLY A 326 -0.78 -7.49 -7.85
C GLY A 326 -2.12 -6.90 -7.50
N PRO A 327 -3.08 -7.77 -7.18
CA PRO A 327 -4.38 -7.35 -6.70
C PRO A 327 -4.34 -6.96 -5.23
N THR A 328 -5.32 -6.17 -4.82
CA THR A 328 -5.51 -5.85 -3.43
C THR A 328 -5.63 -7.14 -2.61
N GLU A 329 -6.27 -8.15 -3.20
CA GLU A 329 -6.47 -9.46 -2.53
C GLU A 329 -5.18 -10.27 -2.28
N GLY A 330 -4.07 -9.81 -2.88
CA GLY A 330 -2.75 -10.43 -2.73
C GLY A 330 -1.79 -9.62 -1.86
N THR A 331 -2.32 -8.75 -1.01
CA THR A 331 -1.53 -7.86 -0.15
C THR A 331 -0.49 -7.01 -0.90
N ILE A 332 -1.07 -6.20 -1.76
CA ILE A 332 -0.61 -5.05 -2.53
C ILE A 332 0.35 -5.27 -3.70
N ALA A 333 1.25 -6.24 -3.67
CA ALA A 333 1.93 -6.69 -4.90
C ALA A 333 2.44 -8.10 -4.71
N VAL A 334 2.32 -8.93 -5.73
CA VAL A 334 3.02 -10.22 -5.72
C VAL A 334 4.22 -10.41 -6.66
N SER A 335 4.45 -9.47 -7.56
CA SER A 335 5.44 -9.65 -8.62
C SER A 335 6.04 -8.32 -8.93
N LEU A 336 7.32 -8.30 -9.32
CA LEU A 336 7.92 -7.09 -9.86
C LEU A 336 8.86 -7.40 -11.01
N CYS A 337 9.06 -6.41 -11.86
CA CYS A 337 10.02 -6.50 -12.93
C CYS A 337 10.88 -5.25 -12.88
N ARG A 338 12.21 -5.41 -12.98
CA ARG A 338 13.08 -4.24 -12.98
CA ARG A 338 13.08 -4.24 -12.98
C ARG A 338 13.28 -3.84 -14.43
N LEU A 339 12.63 -2.73 -14.79
CA LEU A 339 12.55 -2.32 -16.18
C LEU A 339 13.90 -1.84 -16.67
N SER A 340 14.65 -1.23 -15.76
CA SER A 340 15.99 -0.74 -16.05
C SER A 340 16.98 -1.87 -16.33
N GLN A 341 16.64 -3.08 -15.93
CA GLN A 341 17.53 -4.22 -16.17
C GLN A 341 17.20 -5.04 -17.43
N LEU A 342 16.10 -4.72 -18.09
CA LEU A 342 15.70 -5.43 -19.31
C LEU A 342 16.68 -5.11 -20.44
N THR A 343 16.99 -6.11 -21.27
CA THR A 343 17.74 -5.83 -22.50
C THR A 343 16.88 -5.06 -23.48
N GLU A 344 17.52 -4.37 -24.42
CA GLU A 344 16.82 -3.64 -25.48
C GLU A 344 15.75 -4.50 -26.16
N SER A 345 16.08 -5.77 -26.40
CA SER A 345 15.15 -6.69 -27.06
C SER A 345 13.94 -7.01 -26.21
N GLN A 346 14.14 -7.23 -24.92
CA GLN A 346 13.02 -7.46 -24.00
C GLN A 346 12.11 -6.23 -23.94
N ARG A 347 12.66 -5.06 -24.24
CA ARG A 347 11.90 -3.81 -24.25
C ARG A 347 11.10 -3.65 -25.53
N ASN A 348 11.65 -4.18 -26.62
CA ASN A 348 11.06 -4.02 -27.95
C ASN A 348 9.96 -5.03 -28.26
N ARG A 349 9.67 -5.89 -27.29
CA ARG A 349 8.55 -6.82 -27.42
C ARG A 349 7.23 -6.08 -27.27
N THR A 350 6.11 -6.80 -27.42
CA THR A 350 4.80 -6.14 -27.49
C THR A 350 4.16 -5.89 -26.13
N GLU A 351 4.71 -6.51 -25.09
CA GLU A 351 4.22 -6.32 -23.73
C GLU A 351 5.37 -6.22 -22.73
N ILE A 352 5.30 -5.23 -21.84
CA ILE A 352 6.29 -5.12 -20.76
C ILE A 352 5.94 -6.10 -19.62
N PRO A 353 6.84 -7.04 -19.33
CA PRO A 353 6.59 -8.09 -18.33
C PRO A 353 6.19 -7.52 -16.97
N ILE A 354 5.36 -8.28 -16.24
CA ILE A 354 5.13 -7.99 -14.83
C ILE A 354 6.08 -8.83 -13.96
N GLY A 355 6.88 -9.68 -14.58
CA GLY A 355 8.06 -10.21 -13.92
C GLY A 355 7.91 -11.42 -13.02
N LYS A 356 8.66 -11.42 -11.92
CA LYS A 356 8.71 -12.59 -11.05
C LYS A 356 8.25 -12.28 -9.62
N SER A 357 7.90 -13.37 -8.92
CA SER A 357 7.35 -13.29 -7.58
C SER A 357 8.23 -12.47 -6.67
N LEU A 358 7.61 -11.71 -5.80
CA LEU A 358 8.32 -10.84 -4.87
C LEU A 358 9.17 -11.70 -3.93
N GLY A 359 8.73 -12.93 -3.70
CA GLY A 359 9.46 -13.82 -2.79
C GLY A 359 9.02 -15.26 -2.82
N GLU A 360 9.77 -16.14 -2.15
CA GLU A 360 9.56 -17.58 -2.27
C GLU A 360 8.24 -18.05 -1.64
N ASN A 361 7.76 -17.37 -0.60
CA ASN A 361 6.52 -17.81 0.04
C ASN A 361 5.28 -17.23 -0.63
N ILE A 362 5.50 -16.55 -1.75
CA ILE A 362 4.41 -16.05 -2.57
C ILE A 362 4.47 -16.79 -3.89
N SER A 363 3.37 -17.42 -4.26
CA SER A 363 3.35 -18.17 -5.52
C SER A 363 2.48 -17.45 -6.55
N VAL A 364 2.99 -17.27 -7.76
CA VAL A 364 2.21 -16.64 -8.81
C VAL A 364 2.12 -17.61 -9.98
N TYR A 365 0.94 -18.16 -10.17
CA TYR A 365 0.77 -19.28 -11.09
C TYR A 365 0.01 -18.85 -12.32
N VAL A 366 0.36 -19.42 -13.46
CA VAL A 366 -0.54 -19.46 -14.61
C VAL A 366 -1.11 -20.88 -14.62
N LEU A 367 -2.43 -20.98 -14.51
CA LEU A 367 -3.09 -22.29 -14.43
C LEU A 367 -4.14 -22.43 -15.52
N ASP A 368 -4.42 -23.69 -15.88
CA ASP A 368 -5.52 -24.02 -16.79
C ASP A 368 -6.84 -24.14 -16.00
N GLU A 369 -7.91 -24.53 -16.68
CA GLU A 369 -9.22 -24.52 -16.04
C GLU A 369 -9.42 -25.62 -15.02
N THR A 370 -8.46 -26.54 -14.96
CA THR A 370 -8.41 -27.56 -13.92
C THR A 370 -7.47 -27.21 -12.75
N LEU A 371 -6.93 -26.00 -12.78
CA LEU A 371 -5.96 -25.56 -11.77
C LEU A 371 -4.67 -26.35 -11.87
N LYS A 372 -4.30 -26.73 -13.08
CA LYS A 372 -3.05 -27.44 -13.31
C LYS A 372 -2.02 -26.48 -13.87
N THR A 373 -0.78 -26.65 -13.45
CA THR A 373 0.33 -25.86 -13.99
C THR A 373 0.48 -26.17 -15.46
N VAL A 374 1.00 -25.21 -16.22
CA VAL A 374 1.10 -25.34 -17.66
C VAL A 374 2.54 -25.13 -18.14
N PRO A 375 2.85 -25.60 -19.35
CA PRO A 375 4.19 -25.37 -19.92
C PRO A 375 4.38 -23.90 -20.25
N PRO A 376 5.63 -23.45 -20.37
CA PRO A 376 6.00 -22.06 -20.66
C PRO A 376 5.31 -21.55 -21.91
N GLU A 377 5.07 -20.24 -21.94
CA GLU A 377 4.50 -19.57 -23.09
C GLU A 377 3.05 -19.97 -23.34
N THR A 378 2.54 -20.92 -22.55
CA THR A 378 1.12 -21.28 -22.60
C THR A 378 0.30 -20.30 -21.77
N PRO A 379 -0.63 -19.58 -22.42
CA PRO A 379 -1.50 -18.61 -21.72
C PRO A 379 -2.43 -19.31 -20.71
N GLY A 380 -2.95 -18.55 -19.76
CA GLY A 380 -3.82 -19.13 -18.73
C GLY A 380 -4.25 -18.05 -17.74
N GLU A 381 -4.98 -18.46 -16.71
CA GLU A 381 -5.36 -17.49 -15.69
C GLU A 381 -4.33 -17.44 -14.58
N ILE A 382 -4.06 -16.22 -14.12
CA ILE A 382 -3.16 -16.01 -13.00
C ILE A 382 -3.89 -16.24 -11.68
N TYR A 383 -3.30 -17.11 -10.86
CA TYR A 383 -3.81 -17.42 -9.55
C TYR A 383 -2.66 -17.18 -8.59
N ILE A 384 -2.98 -16.66 -7.41
CA ILE A 384 -1.92 -16.35 -6.46
C ILE A 384 -2.07 -17.27 -5.27
N GLY A 385 -0.98 -17.72 -4.70
CA GLY A 385 -1.10 -18.62 -3.57
C GLY A 385 0.01 -18.29 -2.59
N GLY A 386 -0.03 -18.89 -1.40
CA GLY A 386 0.95 -18.62 -0.37
C GLY A 386 0.60 -17.42 0.49
N THR A 387 1.64 -16.82 1.05
CA THR A 387 1.48 -15.90 2.17
C THR A 387 0.82 -14.57 1.83
N ALA A 388 0.75 -14.24 0.54
CA ALA A 388 0.22 -12.95 0.12
C ALA A 388 -1.29 -12.79 0.29
N LEU A 389 -2.01 -13.89 0.46
CA LEU A 389 -3.46 -13.87 0.33
C LEU A 389 -4.17 -13.13 1.46
N ALA A 390 -5.16 -12.33 1.08
CA ALA A 390 -6.11 -11.72 2.01
C ALA A 390 -6.88 -12.85 2.67
N ARG A 391 -7.45 -12.56 3.84
CA ARG A 391 -8.35 -13.53 4.48
C ARG A 391 -9.56 -13.83 3.59
N GLY A 392 -10.05 -12.83 2.87
CA GLY A 392 -11.23 -12.98 2.03
C GLY A 392 -11.94 -11.65 1.95
N TYR A 393 -13.19 -11.65 1.48
CA TYR A 393 -13.96 -10.41 1.47
C TYR A 393 -14.84 -10.29 2.71
N LEU A 394 -15.02 -9.07 3.20
CA LEU A 394 -15.79 -8.88 4.41
C LEU A 394 -17.28 -9.05 4.07
N ASN A 395 -17.96 -9.96 4.75
CA ASN A 395 -19.42 -10.11 4.57
C ASN A 395 -19.87 -10.36 3.13
N ARG A 396 -19.03 -11.06 2.35
CA ARG A 396 -19.44 -11.49 0.99
C ARG A 396 -19.06 -12.96 0.79
N PRO A 397 -19.68 -13.88 1.54
CA PRO A 397 -19.28 -15.30 1.48
C PRO A 397 -19.36 -15.92 0.07
N GLU A 398 -20.35 -15.56 -0.74
CA GLU A 398 -20.42 -16.13 -2.09
C GLU A 398 -19.22 -15.69 -2.93
N LEU A 399 -18.97 -14.38 -2.93
CA LEU A 399 -17.84 -13.84 -3.67
C LEU A 399 -16.54 -14.40 -3.15
N THR A 400 -16.40 -14.50 -1.83
CA THR A 400 -15.18 -15.07 -1.24
C THR A 400 -14.96 -16.51 -1.70
N ALA A 401 -16.02 -17.34 -1.69
CA ALA A 401 -15.88 -18.75 -2.06
C ALA A 401 -15.58 -18.88 -3.54
N GLN A 402 -16.10 -17.94 -4.31
CA GLN A 402 -15.82 -17.85 -5.75
C GLN A 402 -14.35 -17.53 -6.06
N LYS A 403 -13.84 -16.51 -5.37
CA LYS A 403 -12.49 -15.95 -5.57
C LYS A 403 -11.34 -16.66 -4.88
N PHE A 404 -11.56 -17.07 -3.64
CA PHE A 404 -10.53 -17.71 -2.86
C PHE A 404 -10.85 -19.20 -2.76
N ILE A 405 -10.08 -19.98 -3.48
CA ILE A 405 -10.41 -21.36 -3.78
C ILE A 405 -9.43 -22.28 -3.09
N GLN A 406 -9.93 -23.33 -2.45
CA GLN A 406 -9.03 -24.30 -1.83
C GLN A 406 -8.18 -24.96 -2.91
N ASP A 407 -6.87 -25.04 -2.67
CA ASP A 407 -5.98 -25.68 -3.62
C ASP A 407 -6.19 -27.20 -3.57
N PRO A 408 -6.71 -27.78 -4.66
CA PRO A 408 -6.96 -29.22 -4.75
C PRO A 408 -5.66 -30.00 -4.72
N PHE A 409 -4.61 -29.34 -5.20
CA PHE A 409 -3.28 -29.95 -5.19
C PHE A 409 -2.48 -29.67 -3.90
N SER A 410 -2.98 -28.75 -3.07
CA SER A 410 -2.41 -28.50 -1.74
C SER A 410 -3.52 -28.14 -0.73
N PRO A 411 -4.23 -29.16 -0.23
CA PRO A 411 -5.51 -29.03 0.47
C PRO A 411 -5.54 -27.96 1.59
N SER A 412 -4.42 -27.75 2.25
CA SER A 412 -4.37 -26.85 3.40
C SER A 412 -4.27 -25.39 2.99
N GLU A 413 -4.22 -25.13 1.68
CA GLU A 413 -3.88 -23.81 1.17
C GLU A 413 -4.92 -23.27 0.19
N ARG A 414 -4.86 -21.98 -0.08
CA ARG A 414 -5.80 -21.36 -1.00
C ARG A 414 -5.08 -20.72 -2.19
N LEU A 415 -5.83 -20.51 -3.26
CA LEU A 415 -5.41 -19.74 -4.41
C LEU A 415 -6.42 -18.62 -4.61
N TYR A 416 -5.96 -17.47 -5.03
CA TYR A 416 -6.86 -16.39 -5.37
C TYR A 416 -6.92 -16.30 -6.89
N LYS A 417 -8.13 -16.25 -7.42
CA LYS A 417 -8.37 -16.26 -8.85
C LYS A 417 -8.43 -14.81 -9.28
N THR A 418 -7.44 -14.37 -10.05
CA THR A 418 -7.25 -12.95 -10.31
C THR A 418 -8.24 -12.38 -11.33
N GLY A 419 -8.63 -13.20 -12.31
CA GLY A 419 -9.36 -12.69 -13.46
C GLY A 419 -8.39 -12.07 -14.47
N ASP A 420 -7.10 -12.26 -14.23
CA ASP A 420 -6.06 -11.81 -15.14
C ASP A 420 -5.50 -12.99 -15.95
N LEU A 421 -5.33 -12.77 -17.24
CA LEU A 421 -4.74 -13.77 -18.13
C LEU A 421 -3.27 -13.47 -18.28
N GLY A 422 -2.46 -14.51 -18.36
CA GLY A 422 -1.04 -14.30 -18.54
C GLY A 422 -0.31 -15.54 -19.02
N ARG A 423 0.99 -15.39 -19.23
CA ARG A 423 1.80 -16.55 -19.56
C ARG A 423 3.21 -16.31 -19.08
N TYR A 424 3.89 -17.37 -18.68
CA TYR A 424 5.30 -17.26 -18.34
C TYR A 424 6.14 -17.42 -19.61
N LEU A 425 7.02 -16.44 -19.86
CA LEU A 425 7.98 -16.50 -20.95
C LEU A 425 9.11 -17.48 -20.63
N ALA A 426 9.80 -17.94 -21.66
CA ALA A 426 10.88 -18.91 -21.50
C ALA A 426 11.94 -18.44 -20.51
N ASP A 427 12.14 -17.13 -20.43
CA ASP A 427 13.16 -16.56 -19.54
C ASP A 427 12.66 -16.44 -18.08
N GLY A 428 11.42 -16.84 -17.85
CA GLY A 428 10.87 -16.90 -16.50
C GLY A 428 10.03 -15.70 -16.08
N ASN A 429 10.05 -14.64 -16.88
CA ASN A 429 9.22 -13.47 -16.61
C ASN A 429 7.75 -13.74 -16.93
N LEU A 430 6.86 -13.25 -16.08
CA LEU A 430 5.43 -13.36 -16.34
C LEU A 430 4.96 -12.19 -17.20
N GLU A 431 4.07 -12.50 -18.13
CA GLU A 431 3.54 -11.53 -19.05
C GLU A 431 2.03 -11.47 -18.85
N TYR A 432 1.53 -10.26 -18.65
CA TYR A 432 0.11 -10.01 -18.45
C TYR A 432 -0.60 -9.90 -19.80
N LEU A 433 -1.55 -10.80 -20.04
CA LEU A 433 -2.30 -10.84 -21.29
C LEU A 433 -3.66 -10.14 -21.25
N GLY A 434 -3.98 -9.49 -20.13
CA GLY A 434 -5.24 -8.78 -19.97
C GLY A 434 -6.29 -9.47 -19.11
N ARG A 435 -7.51 -8.93 -19.13
CA ARG A 435 -8.61 -9.39 -18.29
C ARG A 435 -9.47 -10.46 -18.98
N VAL A 436 -9.84 -11.47 -18.20
CA VAL A 436 -10.46 -12.68 -18.70
C VAL A 436 -11.93 -12.49 -19.10
#